data_5JKW
#
_entry.id   5JKW
#
_cell.length_a   140.523
_cell.length_b   140.523
_cell.length_c   118.471
_cell.angle_alpha   90.00
_cell.angle_beta   90.00
_cell.angle_gamma   120.00
#
_symmetry.space_group_name_H-M   'P 32 2 1'
#
loop_
_entity.id
_entity.type
_entity.pdbx_description
1 polymer Aromatase
2 non-polymer 'PROTOPORPHYRIN IX CONTAINING FE'
3 non-polymer TESTOSTERONE
4 water water
#
_entity_poly.entity_id   1
_entity_poly.type   'polypeptide(L)'
_entity_poly.pdbx_seq_one_letter_code
;MVLEMLNPIHYNITSIVPEAMPAATMPVLLLTGLFLLVWNYEGTSSIPGPGYCMGIGPLISHGRFLWMGIGSACNYYNRV
YGEFMRVWISGEETLIISKSSSMFHIMKHNHYSSRFGSKLGLQCIGMHEKGIIFNNNPELWKTTRPFFMKALSGPGLVRM
VTVCAESLKTHLDRLEEVTNESGYVDVLTLLRRVMLDTSNTLFLRIPLDESAIVVKIQGYFDAWQALLIKPDIFFKISWL
YKKYEKSVKDLKDAIEVLIAEKRRRISTEEKLEECMDFATELILAEKRGDLTRENVNQCILEMLIAAPDTMSVSLFFMLF
LIAKHPNVEEAIIKEIQTVIGERDIKIDDIQKLKVMENFIYESMRYQPVVDLVMRKALEDDVIDGYPVKKGTNIILNIGR
MHRLEFFPKPNEFTLENFAKNVPYRYFQPFGFGPRGCAGKYIAMVMMKAILVTLLRRFHVKTLQGQCVESIQKIHDLSLH
PDETKNMLEMIFTPRNSDRCLEH
;
_entity_poly.pdbx_strand_id   A
#
# COMPACT_ATOMS: atom_id res chain seq x y z
N SER A 45 14.96 23.57 20.75
CA SER A 45 13.72 24.25 20.30
C SER A 45 12.48 23.64 20.96
N SER A 46 11.54 24.49 21.36
CA SER A 46 10.20 24.04 21.75
C SER A 46 9.40 23.68 20.50
N ILE A 47 8.26 23.03 20.70
CA ILE A 47 7.53 22.37 19.61
C ILE A 47 6.38 23.22 19.04
N PRO A 48 6.36 23.49 17.70
CA PRO A 48 5.23 24.21 17.11
C PRO A 48 3.90 23.43 17.13
N GLY A 49 2.81 24.10 16.82
CA GLY A 49 1.47 23.47 16.76
C GLY A 49 0.44 24.18 17.64
N PRO A 50 -0.85 23.84 17.48
CA PRO A 50 -1.93 24.54 18.17
C PRO A 50 -1.78 24.53 19.67
N GLY A 51 -2.45 25.45 20.33
CA GLY A 51 -2.37 25.58 21.77
C GLY A 51 -3.03 24.43 22.48
N TYR A 52 -2.38 23.97 23.55
CA TYR A 52 -3.01 23.07 24.49
C TYR A 52 -3.90 23.92 25.38
N CYS A 53 -5.13 24.16 24.92
CA CYS A 53 -6.06 25.04 25.64
C CYS A 53 -6.67 24.34 26.86
N MET A 54 -5.79 23.90 27.76
CA MET A 54 -6.16 23.21 29.00
C MET A 54 -7.14 22.04 28.80
N GLY A 55 -7.00 21.32 27.69
CA GLY A 55 -7.81 20.11 27.41
C GLY A 55 -8.74 20.20 26.21
N ILE A 56 -8.85 21.38 25.59
CA ILE A 56 -9.60 21.55 24.35
C ILE A 56 -8.68 21.35 23.12
N GLY A 57 -7.40 21.69 23.27
CA GLY A 57 -6.41 21.54 22.21
C GLY A 57 -6.35 20.14 21.61
N PRO A 58 -6.33 19.09 22.45
CA PRO A 58 -6.41 17.71 21.97
C PRO A 58 -7.71 17.34 21.28
N LEU A 59 -8.85 17.76 21.84
CA LEU A 59 -10.16 17.40 21.30
C LEU A 59 -10.38 17.94 19.90
N ILE A 60 -9.94 19.17 19.63
CA ILE A 60 -10.08 19.74 18.28
C ILE A 60 -9.25 18.97 17.25
N SER A 61 -8.00 18.61 17.59
CA SER A 61 -7.11 17.98 16.62
C SER A 61 -7.58 16.57 16.25
N HIS A 62 -7.91 15.76 17.27
CA HIS A 62 -8.44 14.42 17.01
C HIS A 62 -9.71 14.51 16.16
N GLY A 63 -10.66 15.33 16.63
CA GLY A 63 -11.88 15.60 15.89
C GLY A 63 -11.63 16.03 14.45
N ARG A 64 -10.64 16.88 14.25
CA ARG A 64 -10.24 17.31 12.91
C ARG A 64 -9.70 16.16 12.06
N PHE A 65 -8.91 15.27 12.68
CA PHE A 65 -8.45 14.04 12.01
C PHE A 65 -9.63 13.16 11.59
N LEU A 66 -10.57 12.99 12.51
CA LEU A 66 -11.77 12.21 12.23
C LEU A 66 -12.60 12.89 11.14
N TRP A 67 -12.73 14.20 11.24
CA TRP A 67 -13.57 14.98 10.34
C TRP A 67 -12.95 15.06 8.95
N MET A 68 -11.70 15.52 8.88
CA MET A 68 -11.04 15.75 7.59
C MET A 68 -10.51 14.47 6.93
N GLY A 69 -10.11 13.50 7.74
CA GLY A 69 -9.36 12.33 7.26
C GLY A 69 -7.89 12.55 7.54
N ILE A 70 -7.18 11.46 7.88
CA ILE A 70 -5.81 11.55 8.38
C ILE A 70 -4.90 12.34 7.44
N GLY A 71 -4.96 12.04 6.15
CA GLY A 71 -4.02 12.63 5.20
C GLY A 71 -4.24 14.09 4.93
N SER A 72 -5.49 14.49 4.73
CA SER A 72 -5.82 15.91 4.55
C SER A 72 -5.63 16.72 5.84
N ALA A 73 -5.81 16.11 7.01
CA ALA A 73 -5.54 16.79 8.29
C ALA A 73 -4.04 17.01 8.51
N CYS A 74 -3.25 15.99 8.20
CA CYS A 74 -1.79 16.12 8.21
C CYS A 74 -1.35 17.27 7.32
N ASN A 75 -1.82 17.26 6.08
CA ASN A 75 -1.51 18.33 5.14
C ASN A 75 -1.98 19.69 5.63
N TYR A 76 -3.16 19.75 6.25
CA TYR A 76 -3.66 20.98 6.85
C TYR A 76 -2.69 21.49 7.90
N TYR A 77 -2.40 20.64 8.89
CA TYR A 77 -1.55 21.02 10.01
C TYR A 77 -0.12 21.37 9.60
N ASN A 78 0.42 20.70 8.59
CA ASN A 78 1.76 21.02 8.09
C ASN A 78 1.83 22.34 7.34
N ARG A 79 0.73 22.72 6.70
CA ARG A 79 0.66 23.95 5.91
C ARG A 79 0.44 25.14 6.84
N VAL A 80 -0.45 25.00 7.81
CA VAL A 80 -0.70 26.03 8.85
C VAL A 80 0.55 26.29 9.70
N TYR A 81 0.97 25.26 10.44
CA TYR A 81 2.15 25.32 11.31
C TYR A 81 3.35 24.83 10.49
N GLY A 82 4.46 24.46 11.12
CA GLY A 82 5.65 24.07 10.37
C GLY A 82 5.59 22.74 9.62
N GLU A 83 6.69 22.42 8.94
CA GLU A 83 6.93 21.08 8.40
C GLU A 83 7.35 20.08 9.48
N PHE A 84 7.45 20.54 10.72
CA PHE A 84 7.64 19.67 11.87
C PHE A 84 6.78 20.27 12.97
N MET A 85 5.77 19.53 13.40
CA MET A 85 4.80 20.08 14.37
C MET A 85 4.09 19.00 15.18
N ARG A 86 3.36 19.43 16.20
CA ARG A 86 2.77 18.54 17.22
C ARG A 86 1.27 18.72 17.25
N VAL A 87 0.59 17.63 17.61
CA VAL A 87 -0.86 17.51 17.56
C VAL A 87 -1.20 16.37 18.53
N TRP A 88 -2.48 16.15 18.82
CA TRP A 88 -2.89 15.04 19.69
C TRP A 88 -3.91 14.13 18.99
N ILE A 89 -3.68 12.82 19.07
CA ILE A 89 -4.66 11.82 18.66
C ILE A 89 -4.91 11.00 19.91
N SER A 90 -6.19 10.90 20.26
CA SER A 90 -6.63 10.59 21.62
C SER A 90 -5.86 11.48 22.61
N GLY A 91 -5.27 10.90 23.65
CA GLY A 91 -4.42 11.68 24.53
C GLY A 91 -3.10 12.01 23.87
N GLU A 92 -2.43 10.97 23.37
CA GLU A 92 -0.99 11.02 23.13
C GLU A 92 -0.55 12.03 22.08
N GLU A 93 0.60 12.66 22.34
CA GLU A 93 1.19 13.66 21.46
C GLU A 93 1.69 12.96 20.21
N THR A 94 1.31 13.48 19.04
CA THR A 94 1.74 12.91 17.77
C THR A 94 2.39 13.98 16.89
N LEU A 95 3.58 13.69 16.40
CA LEU A 95 4.34 14.62 15.56
C LEU A 95 4.02 14.39 14.11
N ILE A 96 3.56 15.43 13.43
CA ILE A 96 3.29 15.31 12.00
C ILE A 96 4.43 16.10 11.31
N ILE A 97 5.21 15.38 10.50
CA ILE A 97 6.54 15.80 10.05
C ILE A 97 6.69 15.60 8.54
N SER A 98 7.03 16.66 7.81
CA SER A 98 7.34 16.54 6.38
C SER A 98 8.84 16.62 6.04
N LYS A 99 9.68 17.07 6.97
CA LYS A 99 11.09 17.37 6.67
C LYS A 99 11.92 16.14 6.35
N SER A 100 12.64 16.18 5.24
CA SER A 100 13.41 15.03 4.73
C SER A 100 14.41 14.46 5.72
N SER A 101 15.06 15.35 6.46
CA SER A 101 16.04 14.97 7.48
C SER A 101 15.39 14.10 8.55
N SER A 102 14.34 14.64 9.18
CA SER A 102 13.61 13.94 10.23
C SER A 102 13.09 12.59 9.76
N MET A 103 12.49 12.59 8.58
CA MET A 103 12.08 11.37 7.90
C MET A 103 13.23 10.37 7.90
N PHE A 104 14.36 10.80 7.37
CA PHE A 104 15.49 9.89 7.21
C PHE A 104 15.98 9.37 8.55
N HIS A 105 16.07 10.28 9.52
CA HIS A 105 16.51 9.91 10.87
C HIS A 105 15.62 8.83 11.44
N ILE A 106 14.32 9.06 11.36
CA ILE A 106 13.30 8.18 11.93
C ILE A 106 13.30 6.79 11.28
N MET A 107 13.27 6.73 9.95
CA MET A 107 13.20 5.43 9.25
C MET A 107 14.51 4.64 9.36
N LYS A 108 15.63 5.38 9.51
CA LYS A 108 17.00 4.81 9.62
C LYS A 108 17.20 4.01 10.91
N HIS A 109 16.75 4.58 12.03
CA HIS A 109 17.03 4.01 13.36
C HIS A 109 16.00 2.96 13.79
N ASN A 110 16.49 1.95 14.51
CA ASN A 110 15.67 0.87 15.05
C ASN A 110 14.68 1.23 16.17
N HIS A 111 14.91 2.36 16.85
CA HIS A 111 14.02 2.79 17.93
C HIS A 111 12.77 3.55 17.44
N TYR A 112 12.53 3.51 16.13
CA TYR A 112 11.25 3.93 15.55
C TYR A 112 10.49 2.80 14.84
N SER A 113 10.99 1.55 14.92
CA SER A 113 10.34 0.37 14.32
C SER A 113 9.00 -0.04 15.00
N SER A 114 8.06 0.90 15.10
CA SER A 114 6.71 0.63 15.58
C SER A 114 5.81 1.63 14.88
N ARG A 115 4.54 1.26 14.78
CA ARG A 115 3.49 2.19 14.34
C ARG A 115 2.60 2.49 15.57
N PHE A 116 1.39 3.00 15.33
CA PHE A 116 0.46 3.19 16.42
C PHE A 116 -0.98 3.12 15.95
N GLY A 117 -1.90 3.22 16.92
CA GLY A 117 -3.33 3.28 16.64
C GLY A 117 -4.14 2.61 17.72
N SER A 118 -5.46 2.80 17.66
CA SER A 118 -6.37 2.26 18.65
C SER A 118 -6.18 0.77 18.90
N LYS A 119 -5.83 0.41 20.14
CA LYS A 119 -5.79 -0.98 20.56
C LYS A 119 -7.13 -1.68 20.31
N LEU A 120 -8.24 -1.00 20.59
CA LEU A 120 -9.57 -1.57 20.34
C LEU A 120 -9.85 -1.77 18.85
N GLY A 121 -9.45 -0.78 18.05
CA GLY A 121 -9.54 -0.87 16.60
C GLY A 121 -8.65 -1.97 16.02
N LEU A 122 -7.40 -2.03 16.47
CA LEU A 122 -6.47 -3.03 15.96
C LEU A 122 -6.90 -4.42 16.37
N GLN A 123 -7.47 -4.56 17.57
CA GLN A 123 -8.07 -5.84 18.01
C GLN A 123 -9.25 -6.18 17.13
N CYS A 124 -10.09 -5.19 16.85
CA CYS A 124 -11.26 -5.41 16.03
C CYS A 124 -10.90 -6.04 14.67
N ILE A 125 -9.89 -5.49 14.00
CA ILE A 125 -9.48 -5.98 12.67
C ILE A 125 -8.45 -7.11 12.68
N GLY A 126 -7.92 -7.44 13.84
CA GLY A 126 -7.01 -8.58 13.99
C GLY A 126 -5.53 -8.25 13.88
N MET A 127 -5.20 -6.97 13.94
CA MET A 127 -3.83 -6.50 13.78
C MET A 127 -3.16 -6.13 15.11
N HIS A 128 -3.89 -6.24 16.23
CA HIS A 128 -3.28 -5.93 17.53
C HIS A 128 -2.30 -7.06 17.89
N GLU A 129 -1.02 -6.71 17.88
CA GLU A 129 0.07 -7.63 18.20
C GLU A 129 0.02 -8.96 17.46
N LYS A 130 -0.45 -8.95 16.21
CA LYS A 130 -0.63 -10.18 15.45
C LYS A 130 0.07 -10.24 14.10
N GLY A 131 -0.18 -9.32 13.19
CA GLY A 131 0.36 -9.50 11.83
C GLY A 131 1.81 -9.08 11.69
N ILE A 132 2.09 -8.24 10.69
CA ILE A 132 3.22 -7.30 10.78
C ILE A 132 2.89 -5.85 10.51
N ILE A 133 1.85 -5.54 9.74
CA ILE A 133 1.69 -4.18 9.23
C ILE A 133 1.49 -3.21 10.39
N PHE A 134 0.56 -3.51 11.29
CA PHE A 134 0.35 -2.70 12.51
C PHE A 134 0.63 -3.51 13.79
N ASN A 135 1.57 -4.45 13.71
CA ASN A 135 2.01 -5.20 14.86
C ASN A 135 3.06 -4.35 15.54
N ASN A 136 2.65 -3.69 16.61
CA ASN A 136 3.53 -2.77 17.34
C ASN A 136 4.25 -3.38 18.52
N ASN A 137 4.07 -4.68 18.75
CA ASN A 137 4.92 -5.42 19.69
C ASN A 137 6.31 -5.65 19.08
N PRO A 138 7.35 -4.97 19.61
CA PRO A 138 8.70 -5.07 19.03
C PRO A 138 9.22 -6.48 18.77
N GLU A 139 9.04 -7.38 19.75
CA GLU A 139 9.67 -8.71 19.69
C GLU A 139 8.89 -9.59 18.74
N LEU A 140 7.57 -9.50 18.82
CA LEU A 140 6.71 -10.33 18.00
C LEU A 140 6.77 -9.91 16.53
N TRP A 141 6.82 -8.59 16.31
CA TRP A 141 7.11 -8.02 14.99
C TRP A 141 8.44 -8.50 14.43
N LYS A 142 9.50 -8.45 15.25
CA LYS A 142 10.83 -8.90 14.82
C LYS A 142 10.86 -10.35 14.32
N THR A 143 10.10 -11.24 14.96
CA THR A 143 10.10 -12.67 14.62
C THR A 143 9.20 -13.01 13.45
N THR A 144 8.22 -12.15 13.15
CA THR A 144 7.27 -12.37 12.07
C THR A 144 7.77 -11.80 10.75
N ARG A 145 8.38 -10.61 10.80
CA ARG A 145 8.80 -9.93 9.58
C ARG A 145 9.67 -10.79 8.64
N PRO A 146 10.65 -11.52 9.18
CA PRO A 146 11.51 -12.33 8.32
C PRO A 146 10.77 -13.28 7.38
N PHE A 147 9.60 -13.77 7.79
CA PHE A 147 8.78 -14.62 6.91
C PHE A 147 8.35 -13.85 5.66
N PHE A 148 7.92 -12.61 5.85
CA PHE A 148 7.49 -11.75 4.75
C PHE A 148 8.67 -11.41 3.86
N MET A 149 9.79 -11.05 4.47
CA MET A 149 10.98 -10.60 3.73
C MET A 149 11.55 -11.69 2.82
N LYS A 150 11.54 -12.93 3.29
CA LYS A 150 11.99 -14.06 2.48
C LYS A 150 11.12 -14.25 1.24
N ALA A 151 9.80 -14.29 1.46
CA ALA A 151 8.82 -14.53 0.41
C ALA A 151 8.79 -13.44 -0.67
N LEU A 152 9.12 -12.21 -0.29
CA LEU A 152 9.07 -11.06 -1.19
C LEU A 152 10.41 -10.70 -1.87
N SER A 153 11.33 -11.66 -1.92
CA SER A 153 12.66 -11.45 -2.54
C SER A 153 13.28 -12.78 -2.96
N GLY A 154 14.47 -12.71 -3.56
CA GLY A 154 15.18 -13.91 -4.01
C GLY A 154 14.42 -14.59 -5.13
N PRO A 155 14.20 -15.92 -5.04
CA PRO A 155 13.53 -16.64 -6.14
C PRO A 155 12.06 -16.28 -6.37
N GLY A 156 11.34 -15.91 -5.30
CA GLY A 156 9.93 -15.52 -5.40
C GLY A 156 9.68 -14.23 -6.17
N LEU A 157 10.55 -13.24 -5.97
CA LEU A 157 10.55 -12.02 -6.77
C LEU A 157 10.83 -12.28 -8.27
N VAL A 158 11.65 -13.28 -8.56
CA VAL A 158 11.91 -13.70 -9.95
C VAL A 158 10.68 -14.39 -10.53
N ARG A 159 10.12 -15.36 -9.78
CA ARG A 159 8.85 -16.03 -10.18
C ARG A 159 7.76 -15.03 -10.47
N MET A 160 7.70 -14.00 -9.63
CA MET A 160 6.63 -13.02 -9.67
C MET A 160 6.46 -12.36 -11.02
N VAL A 161 7.56 -12.10 -11.73
CA VAL A 161 7.49 -11.36 -13.00
C VAL A 161 6.63 -12.09 -14.05
N THR A 162 6.72 -13.42 -14.12
CA THR A 162 5.92 -14.19 -15.09
C THR A 162 4.53 -14.52 -14.53
N VAL A 163 4.46 -14.80 -13.23
CA VAL A 163 3.19 -15.04 -12.54
C VAL A 163 2.27 -13.82 -12.69
N CYS A 164 2.86 -12.64 -12.53
CA CYS A 164 2.13 -11.39 -12.65
C CYS A 164 1.64 -11.16 -14.08
N ALA A 165 2.48 -11.47 -15.06
CA ALA A 165 2.14 -11.30 -16.47
C ALA A 165 1.09 -12.31 -16.94
N GLU A 166 1.28 -13.60 -16.63
CA GLU A 166 0.32 -14.64 -17.02
C GLU A 166 -1.07 -14.41 -16.42
N SER A 167 -1.12 -13.82 -15.23
CA SER A 167 -2.38 -13.53 -14.54
C SER A 167 -3.16 -12.46 -15.30
N LEU A 168 -2.47 -11.38 -15.67
CA LEU A 168 -3.11 -10.27 -16.36
C LEU A 168 -3.56 -10.67 -17.76
N LYS A 169 -2.72 -11.44 -18.47
CA LYS A 169 -3.10 -12.07 -19.74
C LYS A 169 -4.45 -12.76 -19.60
N THR A 170 -4.53 -13.67 -18.63
CA THR A 170 -5.77 -14.38 -18.32
C THR A 170 -6.96 -13.43 -18.21
N HIS A 171 -6.79 -12.36 -17.45
CA HIS A 171 -7.87 -11.42 -17.17
C HIS A 171 -8.17 -10.47 -18.34
N LEU A 172 -7.18 -10.21 -19.18
CA LEU A 172 -7.38 -9.43 -20.40
C LEU A 172 -8.07 -10.23 -21.51
N ASP A 173 -7.93 -11.55 -21.50
CA ASP A 173 -8.74 -12.41 -22.39
C ASP A 173 -10.18 -12.58 -21.90
N ARG A 174 -10.44 -12.23 -20.65
CA ARG A 174 -11.78 -12.32 -20.05
C ARG A 174 -12.33 -10.92 -19.70
N LEU A 175 -12.07 -9.94 -20.58
CA LEU A 175 -12.48 -8.55 -20.33
C LEU A 175 -14.00 -8.32 -20.28
N GLU A 176 -14.78 -9.30 -20.73
CA GLU A 176 -16.25 -9.29 -20.56
C GLU A 176 -16.70 -9.24 -19.09
N GLU A 177 -15.86 -9.76 -18.18
CA GLU A 177 -16.16 -9.80 -16.75
C GLU A 177 -16.06 -8.42 -16.10
N VAL A 178 -15.49 -7.48 -16.84
CA VAL A 178 -15.16 -6.15 -16.36
C VAL A 178 -15.64 -5.00 -17.28
N THR A 179 -15.96 -5.28 -18.54
CA THR A 179 -16.31 -4.24 -19.51
C THR A 179 -17.84 -4.01 -19.59
N ASN A 180 -18.21 -2.76 -19.80
CA ASN A 180 -19.60 -2.29 -19.97
C ASN A 180 -20.19 -2.63 -21.33
N GLU A 181 -21.47 -2.37 -21.53
CA GLU A 181 -22.02 -2.32 -22.89
C GLU A 181 -21.39 -1.18 -23.68
N SER A 182 -21.15 -0.04 -23.05
CA SER A 182 -20.52 1.10 -23.72
C SER A 182 -19.00 0.99 -23.86
N GLY A 183 -18.43 -0.18 -23.55
CA GLY A 183 -16.98 -0.41 -23.61
C GLY A 183 -16.17 0.13 -22.43
N TYR A 184 -16.83 0.52 -21.35
CA TYR A 184 -16.19 1.04 -20.15
C TYR A 184 -15.65 -0.07 -19.23
N VAL A 185 -14.33 -0.18 -19.12
CA VAL A 185 -13.71 -1.15 -18.20
C VAL A 185 -13.64 -0.61 -16.78
N ASP A 186 -14.07 -1.44 -15.83
CA ASP A 186 -13.90 -1.23 -14.40
C ASP A 186 -12.47 -1.59 -14.02
N VAL A 187 -11.57 -0.63 -14.20
CA VAL A 187 -10.14 -0.89 -14.06
C VAL A 187 -9.77 -1.25 -12.61
N LEU A 188 -10.32 -0.51 -11.66
CA LEU A 188 -10.12 -0.82 -10.24
C LEU A 188 -10.41 -2.28 -9.91
N THR A 189 -11.53 -2.81 -10.38
CA THR A 189 -11.88 -4.22 -10.13
C THR A 189 -11.00 -5.19 -10.90
N LEU A 190 -10.66 -4.84 -12.14
CA LEU A 190 -9.77 -5.68 -12.94
C LEU A 190 -8.45 -5.86 -12.20
N LEU A 191 -7.84 -4.73 -11.85
CA LEU A 191 -6.52 -4.72 -11.20
C LEU A 191 -6.54 -5.48 -9.89
N ARG A 192 -7.57 -5.25 -9.08
CA ARG A 192 -7.72 -5.94 -7.80
C ARG A 192 -7.76 -7.45 -7.97
N ARG A 193 -8.46 -7.90 -9.00
CA ARG A 193 -8.57 -9.33 -9.26
C ARG A 193 -7.27 -9.96 -9.71
N VAL A 194 -6.50 -9.27 -10.56
CA VAL A 194 -5.23 -9.85 -11.02
C VAL A 194 -4.22 -9.77 -9.87
N MET A 195 -4.22 -8.67 -9.13
CA MET A 195 -3.39 -8.53 -7.92
C MET A 195 -3.64 -9.63 -6.89
N LEU A 196 -4.90 -10.04 -6.73
CA LEU A 196 -5.26 -11.10 -5.79
C LEU A 196 -4.84 -12.47 -6.29
N ASP A 197 -5.15 -12.73 -7.56
CA ASP A 197 -4.75 -13.98 -8.21
C ASP A 197 -3.23 -14.13 -8.18
N THR A 198 -2.55 -13.03 -8.45
CA THR A 198 -1.10 -12.95 -8.38
C THR A 198 -0.64 -13.37 -6.97
N SER A 199 -1.11 -12.63 -5.96
CA SER A 199 -0.73 -12.86 -4.57
C SER A 199 -1.06 -14.28 -4.14
N ASN A 200 -2.26 -14.75 -4.46
CA ASN A 200 -2.62 -16.13 -4.15
C ASN A 200 -1.67 -17.16 -4.78
N THR A 201 -1.43 -17.09 -6.09
CA THR A 201 -0.66 -18.17 -6.75
C THR A 201 0.82 -18.19 -6.31
N LEU A 202 1.36 -17.05 -5.87
CA LEU A 202 2.73 -17.01 -5.36
C LEU A 202 2.87 -17.38 -3.87
N PHE A 203 1.97 -16.90 -3.00
CA PHE A 203 2.13 -17.03 -1.54
C PHE A 203 1.31 -18.11 -0.85
N LEU A 204 0.22 -18.56 -1.46
CA LEU A 204 -0.73 -19.50 -0.82
C LEU A 204 -1.12 -20.67 -1.75
N ARG A 205 -1.54 -20.29 -2.95
CA ARG A 205 -1.98 -21.17 -4.04
C ARG A 205 -3.00 -22.21 -3.62
N ILE A 206 -4.17 -21.69 -3.32
CA ILE A 206 -5.38 -22.46 -3.13
C ILE A 206 -6.44 -21.79 -3.99
N PRO A 207 -7.24 -22.59 -4.75
CA PRO A 207 -8.31 -21.96 -5.53
C PRO A 207 -9.34 -21.22 -4.67
N LEU A 208 -9.81 -20.09 -5.18
CA LEU A 208 -10.70 -19.20 -4.45
C LEU A 208 -11.61 -18.40 -5.37
N ASP A 209 -12.60 -17.73 -4.80
CA ASP A 209 -13.52 -16.87 -5.54
C ASP A 209 -12.97 -15.44 -5.64
N GLU A 210 -12.17 -15.17 -6.68
CA GLU A 210 -11.59 -13.83 -6.89
C GLU A 210 -12.55 -12.68 -6.62
N SER A 211 -13.69 -12.72 -7.29
CA SER A 211 -14.67 -11.63 -7.22
C SER A 211 -15.13 -11.37 -5.80
N ALA A 212 -15.53 -12.44 -5.11
CA ALA A 212 -16.02 -12.36 -3.75
C ALA A 212 -14.95 -11.85 -2.78
N ILE A 213 -13.77 -12.48 -2.81
CA ILE A 213 -12.67 -12.13 -1.93
C ILE A 213 -12.22 -10.68 -2.17
N VAL A 214 -12.18 -10.24 -3.43
CA VAL A 214 -11.85 -8.84 -3.72
C VAL A 214 -12.84 -7.88 -3.04
N VAL A 215 -14.12 -8.21 -3.04
CA VAL A 215 -15.10 -7.35 -2.36
C VAL A 215 -14.89 -7.40 -0.85
N LYS A 216 -14.59 -8.59 -0.33
CA LYS A 216 -14.35 -8.76 1.09
C LYS A 216 -13.11 -8.00 1.55
N ILE A 217 -12.06 -8.02 0.73
CA ILE A 217 -10.83 -7.28 1.03
C ILE A 217 -11.11 -5.79 1.09
N GLN A 218 -11.84 -5.27 0.09
CA GLN A 218 -12.27 -3.85 0.12
C GLN A 218 -12.96 -3.54 1.44
N GLY A 219 -13.86 -4.44 1.86
CA GLY A 219 -14.59 -4.32 3.12
C GLY A 219 -13.70 -4.28 4.32
N TYR A 220 -12.71 -5.17 4.34
CA TYR A 220 -11.69 -5.20 5.41
C TYR A 220 -10.88 -3.92 5.48
N PHE A 221 -10.46 -3.39 4.32
CA PHE A 221 -9.70 -2.14 4.29
C PHE A 221 -10.52 -0.97 4.83
N ASP A 222 -11.80 -0.89 4.45
CA ASP A 222 -12.67 0.18 4.95
C ASP A 222 -12.72 0.17 6.47
N ALA A 223 -12.79 -1.02 7.04
CA ALA A 223 -12.87 -1.21 8.49
C ALA A 223 -11.58 -0.79 9.17
N TRP A 224 -10.47 -1.31 8.65
CA TRP A 224 -9.12 -0.90 9.09
C TRP A 224 -9.01 0.61 9.06
N GLN A 225 -9.34 1.23 7.93
CA GLN A 225 -9.25 2.68 7.79
C GLN A 225 -10.17 3.43 8.75
N ALA A 226 -11.37 2.89 8.95
CA ALA A 226 -12.37 3.50 9.82
C ALA A 226 -11.99 3.51 11.29
N LEU A 227 -11.47 2.38 11.78
CA LEU A 227 -11.25 2.17 13.22
C LEU A 227 -9.84 2.48 13.73
N LEU A 228 -8.92 2.83 12.84
CA LEU A 228 -7.50 2.86 13.20
C LEU A 228 -7.19 3.92 14.26
N ILE A 229 -7.88 5.06 14.21
CA ILE A 229 -7.69 6.13 15.21
C ILE A 229 -8.99 6.61 15.87
N LYS A 230 -10.03 5.79 15.88
CA LYS A 230 -11.25 6.13 16.59
C LYS A 230 -10.97 6.14 18.11
N PRO A 231 -11.57 7.09 18.86
CA PRO A 231 -11.37 7.16 20.31
C PRO A 231 -12.10 6.05 21.03
N ASP A 232 -11.64 5.71 22.23
CA ASP A 232 -12.20 4.60 23.02
C ASP A 232 -13.72 4.72 23.23
N ILE A 233 -14.19 5.95 23.43
CA ILE A 233 -15.63 6.30 23.50
C ILE A 233 -16.44 5.62 22.38
N PHE A 234 -15.95 5.73 21.15
CA PHE A 234 -16.57 5.18 19.94
C PHE A 234 -16.94 3.71 20.07
N PHE A 235 -16.02 2.95 20.66
CA PHE A 235 -16.15 1.50 20.73
C PHE A 235 -17.14 0.97 21.77
N LYS A 236 -17.60 1.85 22.67
CA LYS A 236 -18.68 1.50 23.60
C LYS A 236 -20.02 1.38 22.85
N ILE A 237 -20.40 2.42 22.11
CA ILE A 237 -21.71 2.47 21.44
C ILE A 237 -21.82 1.55 20.22
N SER A 238 -22.37 0.35 20.45
CA SER A 238 -22.21 -0.84 19.59
C SER A 238 -22.75 -0.73 18.16
N TRP A 239 -23.91 -0.12 17.98
CA TRP A 239 -24.48 0.08 16.63
C TRP A 239 -23.76 1.16 15.79
N LEU A 240 -22.58 1.57 16.22
CA LEU A 240 -21.70 2.47 15.45
C LEU A 240 -20.49 1.75 14.81
N TYR A 241 -20.24 0.50 15.20
CA TYR A 241 -19.11 -0.28 14.68
C TYR A 241 -19.33 -1.77 14.37
N LYS A 242 -20.49 -2.34 14.72
CA LYS A 242 -20.85 -3.72 14.33
C LYS A 242 -20.77 -3.90 12.80
N LYS A 243 -21.14 -2.84 12.09
CA LYS A 243 -20.98 -2.69 10.64
C LYS A 243 -19.62 -3.24 10.19
N TYR A 244 -18.57 -2.71 10.81
CA TYR A 244 -17.19 -3.01 10.46
C TYR A 244 -16.77 -4.38 10.93
N GLU A 245 -17.14 -4.70 12.17
CA GLU A 245 -16.92 -6.04 12.74
C GLU A 245 -17.36 -7.16 11.79
N LYS A 246 -18.44 -6.94 11.04
CA LYS A 246 -18.96 -7.93 10.09
C LYS A 246 -18.06 -8.07 8.86
N SER A 247 -17.64 -6.94 8.28
CA SER A 247 -16.68 -6.92 7.17
C SER A 247 -15.43 -7.75 7.48
N VAL A 248 -14.91 -7.58 8.69
CA VAL A 248 -13.71 -8.29 9.13
C VAL A 248 -13.98 -9.78 9.21
N LYS A 249 -15.11 -10.15 9.81
CA LYS A 249 -15.48 -11.55 9.95
C LYS A 249 -15.65 -12.22 8.58
N ASP A 250 -16.28 -11.51 7.64
CA ASP A 250 -16.48 -12.03 6.27
C ASP A 250 -15.16 -12.46 5.63
N LEU A 251 -14.16 -11.57 5.68
CA LEU A 251 -12.85 -11.85 5.11
C LEU A 251 -12.09 -12.90 5.89
N LYS A 252 -12.14 -12.81 7.21
CA LYS A 252 -11.39 -13.73 8.06
C LYS A 252 -11.90 -15.15 7.90
N ASP A 253 -13.23 -15.30 7.80
CA ASP A 253 -13.84 -16.62 7.61
C ASP A 253 -13.48 -17.20 6.25
N ALA A 254 -13.53 -16.37 5.22
CA ALA A 254 -13.15 -16.77 3.86
C ALA A 254 -11.72 -17.29 3.78
N ILE A 255 -10.81 -16.59 4.45
CA ILE A 255 -9.40 -16.97 4.47
C ILE A 255 -9.17 -18.22 5.34
N GLU A 256 -9.93 -18.37 6.44
CA GLU A 256 -9.83 -19.59 7.29
C GLU A 256 -10.14 -20.87 6.49
N VAL A 257 -11.10 -20.80 5.56
CA VAL A 257 -11.42 -21.92 4.65
C VAL A 257 -10.20 -22.29 3.80
N LEU A 258 -9.52 -21.27 3.29
CA LEU A 258 -8.39 -21.45 2.40
C LEU A 258 -7.19 -22.00 3.14
N ILE A 259 -6.85 -21.41 4.29
CA ILE A 259 -5.73 -21.92 5.10
C ILE A 259 -6.06 -23.33 5.60
N ALA A 260 -7.34 -23.61 5.88
CA ALA A 260 -7.77 -24.95 6.26
C ALA A 260 -7.39 -25.96 5.18
N GLU A 261 -7.79 -25.66 3.95
CA GLU A 261 -7.43 -26.49 2.79
C GLU A 261 -5.91 -26.60 2.66
N LYS A 262 -5.22 -25.46 2.79
CA LYS A 262 -3.76 -25.44 2.69
C LYS A 262 -3.11 -26.33 3.73
N ARG A 263 -3.69 -26.37 4.93
CA ARG A 263 -3.21 -27.23 6.02
C ARG A 263 -3.31 -28.72 5.67
N ARG A 264 -4.47 -29.14 5.16
CA ARG A 264 -4.71 -30.54 4.77
C ARG A 264 -3.74 -31.02 3.67
N ARG A 265 -3.48 -30.17 2.69
CA ARG A 265 -2.54 -30.49 1.61
C ARG A 265 -1.12 -30.67 2.11
N ILE A 266 -0.73 -29.88 3.11
CA ILE A 266 0.62 -29.98 3.69
C ILE A 266 0.80 -31.29 4.49
N SER A 267 -0.22 -31.70 5.22
CA SER A 267 -0.17 -32.95 6.00
C SER A 267 0.06 -34.17 5.12
N THR A 268 -0.69 -34.26 4.02
CA THR A 268 -0.60 -35.39 3.07
C THR A 268 0.43 -35.21 1.93
N GLU A 269 1.31 -34.23 2.04
CA GLU A 269 2.28 -33.95 0.97
C GLU A 269 3.45 -34.94 1.03
N GLU A 270 3.87 -35.42 -0.14
CA GLU A 270 5.04 -36.30 -0.25
C GLU A 270 6.33 -35.47 -0.26
N LYS A 271 6.52 -34.66 -1.32
CA LYS A 271 7.75 -33.90 -1.53
C LYS A 271 7.64 -32.50 -0.93
N LEU A 272 7.66 -32.44 0.40
CA LEU A 272 7.57 -31.18 1.16
C LEU A 272 8.78 -30.28 0.88
N GLU A 273 9.93 -30.90 0.61
CA GLU A 273 11.19 -30.22 0.24
C GLU A 273 11.03 -29.18 -0.86
N GLU A 274 10.44 -29.61 -1.98
CA GLU A 274 10.52 -28.91 -3.25
C GLU A 274 9.58 -27.70 -3.37
N CYS A 275 8.31 -27.89 -3.02
CA CYS A 275 7.24 -26.94 -3.31
C CYS A 275 6.90 -25.97 -2.13
N MET A 276 7.92 -25.26 -1.64
CA MET A 276 7.72 -24.31 -0.54
C MET A 276 7.09 -23.00 -0.99
N ASP A 277 6.44 -22.33 -0.06
CA ASP A 277 5.84 -21.03 -0.29
C ASP A 277 5.57 -20.33 1.03
N PHE A 278 5.20 -19.05 0.98
CA PHE A 278 5.03 -18.22 2.16
C PHE A 278 4.12 -18.85 3.21
N ALA A 279 2.93 -19.26 2.79
CA ALA A 279 1.95 -19.84 3.71
C ALA A 279 2.47 -21.11 4.38
N THR A 280 3.19 -21.93 3.62
CA THR A 280 3.76 -23.18 4.12
C THR A 280 4.84 -22.91 5.17
N GLU A 281 5.75 -21.99 4.88
CA GLU A 281 6.81 -21.59 5.83
C GLU A 281 6.25 -21.23 7.19
N LEU A 282 5.15 -20.48 7.19
CA LEU A 282 4.47 -20.07 8.40
C LEU A 282 3.90 -21.28 9.13
N ILE A 283 3.13 -22.07 8.39
CA ILE A 283 2.49 -23.27 8.93
C ILE A 283 3.50 -24.26 9.53
N LEU A 284 4.65 -24.43 8.89
CA LEU A 284 5.72 -25.26 9.43
C LEU A 284 6.38 -24.67 10.68
N ALA A 285 6.47 -23.33 10.75
CA ALA A 285 6.97 -22.64 11.95
C ALA A 285 6.01 -22.86 13.13
N GLU A 286 4.69 -22.80 12.87
CA GLU A 286 3.66 -23.15 13.85
C GLU A 286 3.75 -24.62 14.29
N LYS A 287 4.14 -25.49 13.36
CA LYS A 287 4.30 -26.92 13.64
C LYS A 287 5.56 -27.17 14.47
N ARG A 288 6.61 -26.38 14.25
CA ARG A 288 7.67 -26.22 15.24
C ARG A 288 7.06 -25.36 16.36
N GLY A 289 7.84 -24.81 17.26
CA GLY A 289 7.25 -23.97 18.29
C GLY A 289 6.98 -22.52 17.95
N ASP A 290 7.40 -22.08 16.77
CA ASP A 290 7.80 -20.69 16.56
C ASP A 290 6.67 -19.67 16.47
N LEU A 291 5.47 -20.09 16.07
CA LEU A 291 4.37 -19.20 15.74
C LEU A 291 3.04 -19.73 16.26
N THR A 292 2.06 -18.84 16.35
CA THR A 292 0.70 -19.16 16.78
C THR A 292 -0.22 -19.26 15.55
N ARG A 293 -1.20 -20.16 15.61
CA ARG A 293 -2.20 -20.30 14.53
C ARG A 293 -2.83 -18.94 14.21
N GLU A 294 -3.34 -18.26 15.23
CA GLU A 294 -3.86 -16.89 15.09
C GLU A 294 -2.95 -15.97 14.28
N ASN A 295 -1.67 -15.92 14.66
CA ASN A 295 -0.69 -15.08 13.97
C ASN A 295 -0.44 -15.54 12.52
N VAL A 296 -0.25 -16.84 12.31
CA VAL A 296 -0.15 -17.42 10.98
C VAL A 296 -1.31 -16.94 10.14
N ASN A 297 -2.50 -17.09 10.68
CA ASN A 297 -3.73 -16.77 9.96
C ASN A 297 -3.84 -15.30 9.58
N GLN A 298 -3.27 -14.41 10.38
CA GLN A 298 -3.29 -12.98 10.08
C GLN A 298 -2.21 -12.62 9.07
N CYS A 299 -1.05 -13.27 9.18
CA CYS A 299 0.04 -13.07 8.19
C CYS A 299 -0.37 -13.46 6.79
N ILE A 300 -1.02 -14.62 6.66
CA ILE A 300 -1.58 -15.04 5.38
C ILE A 300 -2.59 -13.99 4.91
N LEU A 301 -3.49 -13.54 5.79
CA LEU A 301 -4.45 -12.49 5.45
C LEU A 301 -3.73 -11.24 4.98
N GLU A 302 -2.73 -10.79 5.73
CA GLU A 302 -2.02 -9.55 5.39
C GLU A 302 -1.26 -9.60 4.07
N MET A 303 -0.74 -10.76 3.69
CA MET A 303 -0.03 -10.93 2.41
C MET A 303 -1.00 -10.88 1.22
N LEU A 304 -2.20 -11.45 1.41
CA LEU A 304 -3.23 -11.45 0.36
C LEU A 304 -3.87 -10.09 0.10
N ILE A 305 -4.06 -9.27 1.13
CA ILE A 305 -4.66 -7.96 0.93
C ILE A 305 -3.69 -6.91 0.36
N ALA A 306 -2.40 -7.09 0.64
CA ALA A 306 -1.41 -6.02 0.43
C ALA A 306 -1.47 -5.38 -0.95
N ALA A 307 -1.34 -6.21 -1.97
CA ALA A 307 -1.29 -5.73 -3.34
C ALA A 307 -2.66 -5.20 -3.83
N PRO A 308 -3.74 -6.00 -3.68
CA PRO A 308 -5.07 -5.46 -3.95
C PRO A 308 -5.38 -4.10 -3.31
N ASP A 309 -4.88 -3.86 -2.11
CA ASP A 309 -5.10 -2.57 -1.47
C ASP A 309 -4.32 -1.49 -2.18
N THR A 310 -3.05 -1.74 -2.45
CA THR A 310 -2.13 -0.67 -2.81
C THR A 310 -1.68 -0.63 -4.27
N MET A 311 -1.33 -1.79 -4.84
CA MET A 311 -0.92 -1.87 -6.24
C MET A 311 -2.03 -1.45 -7.19
N SER A 312 -3.23 -1.91 -6.90
CA SER A 312 -4.38 -1.65 -7.76
C SER A 312 -4.64 -0.15 -7.90
N VAL A 313 -4.66 0.57 -6.78
CA VAL A 313 -4.90 2.02 -6.81
C VAL A 313 -3.71 2.79 -7.40
N SER A 314 -2.50 2.27 -7.23
CA SER A 314 -1.30 2.92 -7.78
C SER A 314 -1.29 2.83 -9.29
N LEU A 315 -1.54 1.62 -9.80
CA LEU A 315 -1.60 1.34 -11.22
C LEU A 315 -2.77 2.04 -11.88
N PHE A 316 -3.87 2.17 -11.13
CA PHE A 316 -5.02 2.91 -11.60
C PHE A 316 -4.62 4.36 -11.90
N PHE A 317 -4.10 5.06 -10.90
CA PHE A 317 -3.55 6.40 -11.08
C PHE A 317 -2.50 6.46 -12.21
N MET A 318 -1.62 5.45 -12.28
CA MET A 318 -0.61 5.41 -13.34
C MET A 318 -1.26 5.34 -14.72
N LEU A 319 -2.31 4.54 -14.87
CA LEU A 319 -3.03 4.46 -16.15
C LEU A 319 -3.74 5.76 -16.60
N PHE A 320 -4.30 6.51 -15.66
CA PHE A 320 -4.86 7.83 -15.95
C PHE A 320 -3.80 8.84 -16.36
N LEU A 321 -2.57 8.65 -15.90
CA LEU A 321 -1.47 9.51 -16.31
C LEU A 321 -1.02 9.15 -17.73
N ILE A 322 -0.83 7.86 -18.00
CA ILE A 322 -0.51 7.42 -19.36
C ILE A 322 -1.56 7.94 -20.36
N ALA A 323 -2.82 7.82 -20.00
CA ALA A 323 -3.92 8.27 -20.85
C ALA A 323 -3.83 9.74 -21.25
N LYS A 324 -3.39 10.59 -20.34
CA LYS A 324 -3.33 12.04 -20.56
C LYS A 324 -1.91 12.60 -20.74
N HIS A 325 -0.96 11.75 -21.10
CA HIS A 325 0.42 12.17 -21.33
C HIS A 325 0.98 11.30 -22.46
N PRO A 326 0.58 11.60 -23.71
CA PRO A 326 0.96 10.78 -24.87
C PRO A 326 2.46 10.85 -25.20
N ASN A 327 3.06 12.02 -24.98
CA ASN A 327 4.53 12.16 -24.89
C ASN A 327 5.24 10.99 -24.15
N VAL A 328 4.76 10.65 -22.96
CA VAL A 328 5.35 9.60 -22.13
C VAL A 328 4.91 8.21 -22.62
N GLU A 329 3.63 8.06 -22.96
CA GLU A 329 3.11 6.79 -23.50
C GLU A 329 3.97 6.28 -24.67
N GLU A 330 4.35 7.19 -25.58
CA GLU A 330 5.17 6.82 -26.75
C GLU A 330 6.52 6.28 -26.31
N ALA A 331 7.22 7.08 -25.50
CA ALA A 331 8.53 6.69 -24.92
C ALA A 331 8.53 5.29 -24.31
N ILE A 332 7.49 5.00 -23.53
CA ILE A 332 7.29 3.68 -22.92
C ILE A 332 7.09 2.57 -23.96
N ILE A 333 6.29 2.83 -24.99
CA ILE A 333 6.04 1.85 -26.04
C ILE A 333 7.29 1.62 -26.90
N LYS A 334 7.99 2.70 -27.21
CA LYS A 334 9.27 2.64 -27.92
C LYS A 334 10.25 1.74 -27.15
N GLU A 335 10.36 1.99 -25.85
CA GLU A 335 11.19 1.18 -24.96
C GLU A 335 10.78 -0.30 -24.97
N ILE A 336 9.48 -0.56 -24.88
CA ILE A 336 8.97 -1.93 -24.89
C ILE A 336 9.31 -2.60 -26.24
N GLN A 337 9.19 -1.85 -27.34
CA GLN A 337 9.58 -2.34 -28.68
C GLN A 337 11.05 -2.77 -28.70
N THR A 338 11.93 -1.83 -28.37
CA THR A 338 13.37 -2.06 -28.26
C THR A 338 13.73 -3.27 -27.39
N VAL A 339 13.26 -3.22 -26.15
CA VAL A 339 13.79 -4.06 -25.07
C VAL A 339 13.17 -5.45 -25.09
N ILE A 340 11.86 -5.53 -25.25
CA ILE A 340 11.13 -6.79 -25.14
C ILE A 340 10.69 -7.35 -26.51
N GLY A 341 10.19 -6.47 -27.39
CA GLY A 341 9.67 -6.87 -28.69
C GLY A 341 8.34 -7.59 -28.52
N GLU A 342 8.27 -8.83 -29.00
CA GLU A 342 7.08 -9.70 -28.78
C GLU A 342 7.50 -11.03 -28.13
N ARG A 343 8.35 -10.90 -27.11
CA ARG A 343 8.78 -12.01 -26.27
C ARG A 343 8.03 -11.86 -24.95
N ASP A 344 7.74 -12.98 -24.28
CA ASP A 344 7.19 -12.94 -22.91
C ASP A 344 8.18 -12.25 -22.00
N ILE A 345 7.71 -11.33 -21.17
CA ILE A 345 8.59 -10.57 -20.28
C ILE A 345 9.28 -11.51 -19.29
N LYS A 346 10.56 -11.21 -19.02
CA LYS A 346 11.43 -12.04 -18.21
C LYS A 346 12.19 -11.16 -17.23
N ILE A 347 12.63 -11.73 -16.12
CA ILE A 347 13.34 -10.98 -15.07
C ILE A 347 14.45 -10.06 -15.61
N ASP A 348 15.21 -10.55 -16.59
CA ASP A 348 16.35 -9.79 -17.16
C ASP A 348 15.91 -8.48 -17.79
N ASP A 349 14.68 -8.44 -18.31
CA ASP A 349 14.13 -7.26 -18.96
C ASP A 349 13.87 -6.10 -17.99
N ILE A 350 13.49 -6.40 -16.73
CA ILE A 350 12.91 -5.34 -15.89
C ILE A 350 13.93 -4.24 -15.57
N GLN A 351 15.19 -4.60 -15.40
CA GLN A 351 16.24 -3.60 -15.17
C GLN A 351 16.42 -2.67 -16.38
N LYS A 352 16.25 -3.20 -17.58
CA LYS A 352 16.37 -2.41 -18.82
C LYS A 352 15.22 -1.41 -19.05
N LEU A 353 14.06 -1.64 -18.45
CA LEU A 353 12.89 -0.78 -18.64
C LEU A 353 13.05 0.51 -17.85
N LYS A 354 13.93 1.40 -18.31
CA LYS A 354 14.35 2.58 -17.54
C LYS A 354 13.34 3.73 -17.57
N VAL A 355 12.74 3.96 -18.74
CA VAL A 355 11.73 5.01 -18.90
C VAL A 355 10.51 4.70 -18.03
N MET A 356 10.02 3.46 -18.12
CA MET A 356 8.89 3.03 -17.30
C MET A 356 9.17 3.15 -15.81
N GLU A 357 10.37 2.79 -15.40
CA GLU A 357 10.80 2.91 -14.01
C GLU A 357 10.70 4.36 -13.52
N ASN A 358 11.12 5.30 -14.36
CA ASN A 358 10.99 6.73 -14.02
C ASN A 358 9.55 7.18 -14.00
N PHE A 359 8.75 6.64 -14.90
CA PHE A 359 7.31 6.89 -14.93
C PHE A 359 6.64 6.41 -13.64
N ILE A 360 6.94 5.17 -13.26
CA ILE A 360 6.45 4.60 -12.02
C ILE A 360 6.85 5.49 -10.84
N TYR A 361 8.13 5.85 -10.75
CA TYR A 361 8.59 6.71 -9.63
C TYR A 361 7.96 8.10 -9.64
N GLU A 362 7.81 8.70 -10.82
CA GLU A 362 7.21 10.04 -10.92
C GLU A 362 5.72 9.99 -10.62
N SER A 363 5.05 8.92 -11.06
CA SER A 363 3.65 8.71 -10.71
C SER A 363 3.42 8.63 -9.20
N MET A 364 4.24 7.84 -8.51
CA MET A 364 4.14 7.71 -7.03
C MET A 364 4.55 8.98 -6.32
N ARG A 365 5.48 9.74 -6.90
CA ARG A 365 5.90 11.03 -6.36
C ARG A 365 4.77 12.03 -6.50
N TYR A 366 4.27 12.19 -7.72
CA TYR A 366 3.27 13.21 -8.05
C TYR A 366 1.90 12.89 -7.45
N GLN A 367 1.39 11.69 -7.73
CA GLN A 367 0.08 11.23 -7.25
C GLN A 367 0.25 9.94 -6.46
N PRO A 368 0.60 10.05 -5.16
CA PRO A 368 0.79 8.84 -4.36
C PRO A 368 -0.53 8.20 -3.98
N VAL A 369 -0.42 6.96 -3.54
CA VAL A 369 -1.47 6.29 -2.80
C VAL A 369 -1.11 6.27 -1.32
N VAL A 370 0.09 5.80 -1.00
CA VAL A 370 0.58 5.74 0.38
C VAL A 370 1.41 6.99 0.61
N ASP A 371 0.72 8.07 0.94
CA ASP A 371 1.34 9.38 1.09
C ASP A 371 1.79 9.69 2.51
N LEU A 372 1.44 8.84 3.46
CA LEU A 372 1.91 9.04 4.82
C LEU A 372 2.16 7.74 5.56
N VAL A 373 3.01 7.82 6.58
CA VAL A 373 3.53 6.67 7.31
C VAL A 373 3.44 6.92 8.80
N MET A 374 2.93 5.94 9.53
CA MET A 374 2.72 6.06 10.96
C MET A 374 3.81 5.30 11.70
N ARG A 375 4.52 5.98 12.59
CA ARG A 375 5.56 5.38 13.42
C ARG A 375 5.41 5.79 14.88
N LYS A 376 6.21 5.15 15.75
CA LYS A 376 6.21 5.47 17.18
C LYS A 376 7.63 5.43 17.70
N ALA A 377 7.94 6.36 18.59
CA ALA A 377 9.26 6.44 19.22
C ALA A 377 9.37 5.47 20.39
N LEU A 378 10.34 4.56 20.32
CA LEU A 378 10.55 3.54 21.36
C LEU A 378 11.61 3.95 22.40
N GLU A 379 12.52 4.85 22.01
CA GLU A 379 13.45 5.50 22.94
C GLU A 379 13.36 7.02 22.77
N ASP A 380 13.82 7.75 23.79
CA ASP A 380 13.93 9.21 23.72
C ASP A 380 15.01 9.55 22.69
N ASP A 381 14.91 10.73 22.07
CA ASP A 381 15.96 11.24 21.16
C ASP A 381 15.73 12.71 20.84
N VAL A 382 16.80 13.37 20.40
CA VAL A 382 16.72 14.67 19.71
C VAL A 382 16.59 14.38 18.21
N ILE A 383 15.75 15.17 17.54
CA ILE A 383 15.36 14.90 16.16
C ILE A 383 15.33 16.28 15.45
N ASP A 384 16.19 16.44 14.44
CA ASP A 384 16.59 17.77 13.95
C ASP A 384 16.93 18.68 15.15
N GLY A 385 16.02 19.57 15.54
CA GLY A 385 16.24 20.42 16.70
C GLY A 385 15.55 19.92 17.96
N TYR A 386 14.43 19.22 17.79
CA TYR A 386 13.42 19.12 18.84
C TYR A 386 13.56 17.81 19.62
N PRO A 387 13.14 17.81 20.90
CA PRO A 387 13.15 16.58 21.69
C PRO A 387 11.92 15.73 21.38
N VAL A 388 12.10 14.41 21.31
CA VAL A 388 10.99 13.48 21.08
C VAL A 388 11.03 12.40 22.13
N LYS A 389 10.01 12.35 22.96
CA LYS A 389 9.97 11.40 24.08
C LYS A 389 9.55 10.02 23.60
N LYS A 390 10.04 8.98 24.27
CA LYS A 390 9.55 7.61 24.11
C LYS A 390 8.01 7.59 24.19
N GLY A 391 7.38 6.81 23.31
CA GLY A 391 5.92 6.73 23.23
C GLY A 391 5.26 7.80 22.38
N THR A 392 6.04 8.72 21.81
CA THR A 392 5.51 9.79 20.96
C THR A 392 5.20 9.22 19.58
N ASN A 393 3.96 9.43 19.15
CA ASN A 393 3.52 9.01 17.82
C ASN A 393 4.10 9.90 16.74
N ILE A 394 4.25 9.37 15.53
CA ILE A 394 4.82 10.11 14.40
C ILE A 394 4.04 9.80 13.13
N ILE A 395 3.62 10.85 12.41
CA ILE A 395 3.12 10.67 11.05
C ILE A 395 4.07 11.37 10.10
N LEU A 396 4.81 10.58 9.33
CA LEU A 396 5.68 11.10 8.28
C LEU A 396 4.84 11.37 7.03
N ASN A 397 4.73 12.65 6.68
CA ASN A 397 3.95 13.09 5.54
C ASN A 397 4.84 13.09 4.30
N ILE A 398 5.10 11.90 3.77
CA ILE A 398 6.02 11.75 2.63
C ILE A 398 5.48 12.33 1.33
N GLY A 399 4.14 12.42 1.21
CA GLY A 399 3.51 13.03 0.04
C GLY A 399 3.81 14.52 -0.11
N ARG A 400 3.76 15.25 1.01
CA ARG A 400 4.14 16.66 1.05
C ARG A 400 5.65 16.85 0.84
N MET A 401 6.44 16.03 1.50
CA MET A 401 7.90 16.04 1.38
C MET A 401 8.39 15.97 -0.07
N HIS A 402 7.71 15.19 -0.89
CA HIS A 402 8.08 15.04 -2.30
C HIS A 402 7.72 16.23 -3.17
N ARG A 403 7.06 17.22 -2.59
CA ARG A 403 6.76 18.48 -3.26
C ARG A 403 7.54 19.68 -2.70
N LEU A 404 8.26 19.49 -1.60
CA LEU A 404 8.96 20.58 -0.92
C LEU A 404 10.48 20.49 -0.98
N GLU A 405 11.06 19.32 -1.27
CA GLU A 405 12.46 19.11 -0.96
C GLU A 405 13.38 19.16 -2.17
N PHE A 406 13.46 18.09 -2.93
CA PHE A 406 14.59 17.89 -3.86
C PHE A 406 14.28 18.27 -5.29
N PHE A 407 13.05 18.05 -5.71
CA PHE A 407 12.78 17.92 -7.14
C PHE A 407 12.70 19.28 -7.82
N PRO A 408 13.12 19.34 -9.10
CA PRO A 408 13.10 20.61 -9.85
C PRO A 408 11.71 21.19 -10.09
N LYS A 409 10.78 20.35 -10.56
CA LYS A 409 9.42 20.77 -10.89
C LYS A 409 8.44 19.93 -10.05
N PRO A 410 8.39 20.19 -8.74
CA PRO A 410 7.65 19.34 -7.80
C PRO A 410 6.15 19.28 -8.00
N ASN A 411 5.55 20.39 -8.42
CA ASN A 411 4.09 20.50 -8.55
C ASN A 411 3.54 20.23 -9.95
N GLU A 412 4.34 19.63 -10.84
CA GLU A 412 3.83 19.13 -12.12
C GLU A 412 4.37 17.74 -12.40
N PHE A 413 3.67 17.01 -13.27
CA PHE A 413 4.05 15.66 -13.66
C PHE A 413 5.01 15.68 -14.86
N THR A 414 6.30 15.45 -14.60
CA THR A 414 7.31 15.34 -15.67
C THR A 414 8.37 14.35 -15.27
N LEU A 415 8.89 13.61 -16.24
CA LEU A 415 10.02 12.72 -16.00
C LEU A 415 11.36 13.49 -15.91
N GLU A 416 11.34 14.80 -16.16
CA GLU A 416 12.45 15.69 -15.81
C GLU A 416 12.83 15.63 -14.34
N ASN A 417 11.85 15.37 -13.47
CA ASN A 417 12.13 15.15 -12.05
C ASN A 417 13.02 13.95 -11.72
N PHE A 418 13.08 12.98 -12.64
CA PHE A 418 13.91 11.79 -12.48
C PHE A 418 14.95 11.64 -13.60
N ALA A 419 15.34 12.75 -14.23
CA ALA A 419 16.38 12.72 -15.26
C ALA A 419 17.76 12.61 -14.61
N LYS A 420 17.94 13.25 -13.46
CA LYS A 420 19.13 13.09 -12.62
C LYS A 420 18.82 12.11 -11.48
N ASN A 421 19.57 11.01 -11.44
CA ASN A 421 19.58 10.03 -10.34
C ASN A 421 19.17 10.58 -8.97
N VAL A 422 17.98 10.25 -8.48
CA VAL A 422 17.49 10.80 -7.21
C VAL A 422 18.09 10.09 -5.99
N PRO A 423 18.71 10.85 -5.08
CA PRO A 423 19.18 10.24 -3.82
C PRO A 423 18.02 9.69 -3.00
N TYR A 424 18.18 8.47 -2.47
CA TYR A 424 17.09 7.81 -1.75
C TYR A 424 16.70 8.47 -0.46
N ARG A 425 17.51 9.41 0.01
CA ARG A 425 17.14 10.20 1.16
C ARG A 425 16.25 11.41 0.85
N TYR A 426 15.94 11.68 -0.42
CA TYR A 426 14.96 12.71 -0.79
C TYR A 426 13.69 12.16 -1.44
N PHE A 427 13.59 10.85 -1.54
CA PHE A 427 12.46 10.21 -2.19
C PHE A 427 12.31 8.82 -1.60
N GLN A 428 11.45 8.74 -0.59
CA GLN A 428 11.00 7.46 -0.05
C GLN A 428 9.52 7.18 -0.30
N PRO A 429 9.18 6.65 -1.49
CA PRO A 429 7.82 6.21 -1.76
C PRO A 429 7.44 4.92 -1.03
N PHE A 430 8.42 4.07 -0.75
CA PHE A 430 8.21 2.83 -0.04
C PHE A 430 8.67 2.86 1.42
N GLY A 431 9.40 3.89 1.83
CA GLY A 431 10.15 3.85 3.09
C GLY A 431 11.39 2.95 2.95
N PHE A 432 12.29 3.01 3.94
CA PHE A 432 13.49 2.15 4.00
C PHE A 432 13.84 1.80 5.44
N GLY A 433 14.90 1.02 5.62
CA GLY A 433 15.41 0.72 6.94
C GLY A 433 14.80 -0.56 7.47
N PRO A 434 14.86 -0.78 8.79
CA PRO A 434 14.40 -2.05 9.36
C PRO A 434 12.90 -2.29 9.31
N ARG A 435 12.10 -1.25 9.04
CA ARG A 435 10.63 -1.37 8.91
C ARG A 435 10.07 -0.72 7.62
N GLY A 436 10.91 -0.60 6.59
CA GLY A 436 10.45 -0.13 5.29
C GLY A 436 9.55 -1.16 4.65
N CYS A 437 8.93 -0.81 3.52
CA CYS A 437 7.98 -1.69 2.86
C CYS A 437 8.65 -3.02 2.57
N ALA A 438 8.05 -4.12 3.04
CA ALA A 438 8.57 -5.44 2.77
C ALA A 438 8.41 -5.81 1.31
N GLY A 439 7.45 -5.20 0.63
CA GLY A 439 7.25 -5.42 -0.79
C GLY A 439 8.00 -4.51 -1.73
N LYS A 440 8.83 -3.61 -1.22
CA LYS A 440 9.35 -2.50 -2.04
C LYS A 440 10.03 -2.92 -3.34
N TYR A 441 10.75 -4.04 -3.33
CA TYR A 441 11.49 -4.46 -4.51
C TYR A 441 10.55 -5.18 -5.46
N ILE A 442 9.82 -6.17 -4.96
CA ILE A 442 8.90 -6.94 -5.77
C ILE A 442 7.75 -6.08 -6.34
N ALA A 443 7.35 -5.05 -5.60
CA ALA A 443 6.31 -4.14 -6.05
C ALA A 443 6.70 -3.52 -7.37
N MET A 444 7.92 -3.00 -7.46
CA MET A 444 8.44 -2.41 -8.69
C MET A 444 8.48 -3.44 -9.83
N VAL A 445 8.86 -4.68 -9.52
CA VAL A 445 8.81 -5.75 -10.51
C VAL A 445 7.37 -5.96 -10.98
N MET A 446 6.44 -6.08 -10.04
CA MET A 446 5.03 -6.33 -10.36
C MET A 446 4.42 -5.22 -11.22
N MET A 447 4.66 -3.97 -10.86
CA MET A 447 4.11 -2.82 -11.60
C MET A 447 4.62 -2.76 -13.04
N LYS A 448 5.89 -3.09 -13.26
CA LYS A 448 6.46 -3.15 -14.62
C LYS A 448 5.83 -4.27 -15.42
N ALA A 449 5.69 -5.42 -14.80
CA ALA A 449 5.09 -6.57 -15.46
C ALA A 449 3.68 -6.26 -15.96
N ILE A 450 2.85 -5.62 -15.14
CA ILE A 450 1.46 -5.39 -15.56
C ILE A 450 1.40 -4.23 -16.58
N LEU A 451 2.17 -3.16 -16.36
CA LEU A 451 2.19 -2.05 -17.32
C LEU A 451 2.72 -2.47 -18.68
N VAL A 452 3.77 -3.29 -18.72
CA VAL A 452 4.22 -3.87 -19.98
C VAL A 452 3.07 -4.64 -20.61
N THR A 453 2.57 -5.70 -19.95
CA THR A 453 1.65 -6.62 -20.64
C THR A 453 0.31 -5.97 -21.07
N LEU A 454 -0.10 -4.91 -20.38
CA LEU A 454 -1.31 -4.17 -20.72
C LEU A 454 -1.06 -3.18 -21.86
N LEU A 455 -0.08 -2.30 -21.72
CA LEU A 455 0.20 -1.29 -22.76
C LEU A 455 0.70 -1.90 -24.09
N ARG A 456 1.51 -2.95 -24.00
CA ARG A 456 1.79 -3.83 -25.14
C ARG A 456 0.53 -4.03 -25.99
N ARG A 457 -0.55 -4.44 -25.34
CA ARG A 457 -1.79 -4.87 -25.98
C ARG A 457 -2.85 -3.79 -26.24
N PHE A 458 -2.92 -2.75 -25.39
CA PHE A 458 -4.03 -1.79 -25.44
C PHE A 458 -3.62 -0.34 -25.30
N HIS A 459 -4.28 0.53 -26.06
N HIS A 459 -4.24 0.54 -26.09
CA HIS A 459 -4.28 1.97 -25.80
CA HIS A 459 -4.28 1.98 -25.80
C HIS A 459 -5.29 2.16 -24.68
C HIS A 459 -5.26 2.12 -24.64
N VAL A 460 -4.99 3.07 -23.74
CA VAL A 460 -5.91 3.35 -22.61
C VAL A 460 -6.37 4.79 -22.63
N LYS A 461 -7.69 4.95 -22.66
CA LYS A 461 -8.36 6.23 -22.81
C LYS A 461 -9.17 6.48 -21.55
N THR A 462 -9.23 7.74 -21.14
CA THR A 462 -10.08 8.13 -20.02
C THR A 462 -11.42 8.68 -20.55
N LEU A 463 -12.45 8.70 -19.70
CA LEU A 463 -13.78 9.26 -20.07
C LEU A 463 -13.83 10.76 -19.83
N GLN A 464 -14.48 11.52 -20.72
CA GLN A 464 -14.56 12.98 -20.58
C GLN A 464 -13.15 13.58 -20.56
N GLY A 465 -12.98 14.76 -19.95
CA GLY A 465 -11.64 15.30 -19.71
C GLY A 465 -11.01 14.86 -18.39
N GLN A 466 -11.41 13.70 -17.87
CA GLN A 466 -10.98 13.26 -16.55
C GLN A 466 -9.48 12.97 -16.50
N CYS A 467 -8.88 13.28 -15.35
CA CYS A 467 -7.46 13.03 -15.09
C CYS A 467 -7.32 12.78 -13.60
N VAL A 468 -6.11 12.40 -13.16
CA VAL A 468 -5.90 12.18 -11.72
C VAL A 468 -6.21 13.43 -10.91
N GLU A 469 -5.91 14.59 -11.47
CA GLU A 469 -6.16 15.88 -10.82
C GLU A 469 -7.65 16.15 -10.63
N SER A 470 -8.47 15.75 -11.60
CA SER A 470 -9.92 15.99 -11.56
C SER A 470 -10.73 14.92 -10.82
N ILE A 471 -10.20 13.70 -10.69
CA ILE A 471 -10.83 12.63 -9.90
C ILE A 471 -11.07 13.10 -8.47
N GLN A 472 -12.22 12.76 -7.92
CA GLN A 472 -12.51 13.08 -6.54
C GLN A 472 -11.91 11.99 -5.65
N LYS A 473 -10.98 12.39 -4.79
CA LYS A 473 -10.20 11.48 -3.97
C LYS A 473 -10.55 11.60 -2.49
N ILE A 474 -10.49 10.47 -1.80
CA ILE A 474 -10.57 10.43 -0.34
C ILE A 474 -9.13 10.37 0.16
N HIS A 475 -8.86 11.10 1.24
CA HIS A 475 -7.51 11.28 1.73
C HIS A 475 -7.47 11.02 3.24
N ASP A 476 -7.69 9.76 3.59
CA ASP A 476 -7.71 9.30 4.98
C ASP A 476 -6.45 8.44 5.26
N LEU A 477 -6.58 7.12 5.41
CA LEU A 477 -5.42 6.26 5.70
C LEU A 477 -4.46 6.23 4.50
N SER A 478 -5.02 5.93 3.33
CA SER A 478 -4.32 6.07 2.06
C SER A 478 -5.02 7.16 1.24
N LEU A 479 -4.51 7.40 0.04
CA LEU A 479 -5.03 8.39 -0.88
C LEU A 479 -5.57 7.61 -2.08
N HIS A 480 -6.89 7.61 -2.28
CA HIS A 480 -7.51 6.78 -3.30
C HIS A 480 -8.78 7.41 -3.87
N PRO A 481 -9.22 6.94 -5.05
CA PRO A 481 -10.46 7.43 -5.65
C PRO A 481 -11.66 7.26 -4.73
N ASP A 482 -12.52 8.29 -4.65
CA ASP A 482 -13.83 8.16 -4.01
C ASP A 482 -14.72 7.33 -4.95
N GLU A 483 -14.93 6.07 -4.60
CA GLU A 483 -15.62 5.12 -5.48
C GLU A 483 -17.14 5.23 -5.44
N THR A 484 -17.68 6.08 -4.58
CA THR A 484 -19.10 6.41 -4.59
C THR A 484 -19.42 7.39 -5.71
N LYS A 485 -18.42 8.12 -6.20
CA LYS A 485 -18.53 8.86 -7.47
C LYS A 485 -18.42 7.87 -8.64
N ASN A 486 -18.47 8.38 -9.87
CA ASN A 486 -18.28 7.58 -11.09
C ASN A 486 -17.34 8.31 -12.05
N MET A 487 -17.41 8.02 -13.36
CA MET A 487 -16.42 8.46 -14.35
C MET A 487 -15.00 7.89 -14.09
N LEU A 488 -14.93 6.81 -13.30
CA LEU A 488 -13.67 6.17 -12.93
C LEU A 488 -13.29 5.06 -13.90
N GLU A 489 -14.16 4.77 -14.85
CA GLU A 489 -13.91 3.71 -15.83
C GLU A 489 -12.95 4.22 -16.90
N MET A 490 -12.42 3.27 -17.67
CA MET A 490 -11.55 3.57 -18.82
C MET A 490 -12.00 2.78 -20.05
N ILE A 491 -11.37 3.08 -21.19
CA ILE A 491 -11.63 2.36 -22.44
C ILE A 491 -10.31 1.76 -22.95
N PHE A 492 -10.36 0.47 -23.28
CA PHE A 492 -9.21 -0.25 -23.82
C PHE A 492 -9.42 -0.54 -25.29
N THR A 493 -8.69 0.16 -26.14
CA THR A 493 -8.73 -0.10 -27.58
C THR A 493 -7.41 -0.77 -27.96
N PRO A 494 -7.43 -1.80 -28.84
CA PRO A 494 -6.18 -2.49 -29.21
C PRO A 494 -5.08 -1.66 -29.88
N ARG A 495 -3.96 -2.32 -30.15
CA ARG A 495 -2.88 -1.78 -30.96
C ARG A 495 -2.78 -2.58 -32.27
N ASN A 496 -2.38 -1.90 -33.36
CA ASN A 496 -2.33 -2.48 -34.71
C ASN A 496 -3.68 -3.03 -35.20
#